data_9EST
#
_entry.id   9EST
#
_cell.length_a   51.130
_cell.length_b   58.140
_cell.length_c   75.450
_cell.angle_alpha   90.00
_cell.angle_beta   90.00
_cell.angle_gamma   90.00
#
_symmetry.space_group_name_H-M   'P 21 21 21'
#
loop_
_entity.id
_entity.type
_entity.pdbx_description
1 polymer 'PORCINE PANCREATIC ELASTASE'
2 non-polymer 'SULFATE ION'
3 non-polymer 'CALCIUM ION'
4 non-polymer "(2-BROMOETHYL)(2-'FORMYL-4'-AMINOPHENYL) ACETATE"
5 water water
#
_entity_poly.entity_id   1
_entity_poly.type   'polypeptide(L)'
_entity_poly.pdbx_seq_one_letter_code
;VVGGTEAQRNSWPSQISLQYRSGSSWAHTCGGTLIRQNWVMTAAHCVDRELTFRVVVGEHNLNQNNGTEQYVGVQKIVVH
PYWNTDDVAAGYDIALLRLAQSVTLNSYVQLGVLPRAGTILANNSPCYITGWGLTRTNGQLAQTLQQAYLPTVDYAICSS
SSYWGSTVKNSMVCAGGDGVRSGCQGDSGGPLHCLVNGQYAVHGVTSFVSRLGCNVTRKPTVFTRVSAYISWINNVIASN
;
_entity_poly.pdbx_strand_id   A
#
# COMPACT_ATOMS: atom_id res chain seq x y z
N VAL A 1 7.42 -3.07 7.43
CA VAL A 1 8.01 -4.20 6.75
C VAL A 1 8.93 -5.02 7.66
N VAL A 2 8.61 -6.31 7.77
CA VAL A 2 9.41 -7.23 8.56
C VAL A 2 10.47 -7.88 7.70
N GLY A 3 11.71 -7.90 8.19
CA GLY A 3 12.83 -8.49 7.46
C GLY A 3 13.06 -7.81 6.08
N GLY A 4 13.12 -6.51 6.07
CA GLY A 4 13.33 -5.81 4.84
C GLY A 4 14.68 -5.12 4.83
N THR A 5 14.96 -4.43 3.75
CA THR A 5 16.18 -3.67 3.63
C THR A 5 15.88 -2.20 3.40
N GLU A 6 16.75 -1.33 3.89
CA GLU A 6 16.57 0.09 3.70
C GLU A 6 16.56 0.39 2.22
N ALA A 7 15.59 1.15 1.80
CA ALA A 7 15.45 1.47 0.41
C ALA A 7 16.23 2.69 -0.01
N GLN A 8 16.72 2.66 -1.26
CA GLN A 8 17.42 3.79 -1.82
C GLN A 8 16.49 4.99 -1.89
N ARG A 9 17.05 6.15 -1.65
CA ARG A 9 16.34 7.42 -1.61
C ARG A 9 15.44 7.73 -2.83
N ASN A 10 15.76 7.18 -4.01
CA ASN A 10 14.98 7.49 -5.23
C ASN A 10 14.43 6.27 -5.96
N SER A 11 14.41 5.13 -5.29
CA SER A 11 13.93 3.90 -5.87
C SER A 11 12.40 3.87 -6.12
N TRP A 12 11.62 4.33 -5.14
CA TRP A 12 10.16 4.30 -5.22
C TRP A 12 9.53 5.67 -5.00
N PRO A 13 9.66 6.52 -6.00
CA PRO A 13 9.16 7.89 -5.94
C PRO A 13 7.63 8.02 -5.85
N SER A 14 6.91 6.91 -6.09
CA SER A 14 5.46 6.95 -6.03
C SER A 14 4.90 6.69 -4.60
N GLN A 15 5.77 6.20 -3.72
CA GLN A 15 5.42 5.95 -2.34
C GLN A 15 5.13 7.23 -1.56
N ILE A 16 4.08 7.18 -0.74
CA ILE A 16 3.70 8.31 0.09
C ILE A 16 3.42 7.89 1.50
N SER A 17 3.59 8.83 2.40
CA SER A 17 3.27 8.61 3.77
C SER A 17 1.97 9.30 4.10
N LEU A 18 1.03 8.53 4.64
CA LEU A 18 -0.27 9.03 5.06
C LEU A 18 -0.24 9.25 6.55
N GLN A 19 -0.45 10.51 6.96
CA GLN A 19 -0.40 10.87 8.36
C GLN A 19 -1.65 11.56 8.84
N TYR A 20 -1.82 11.56 10.15
CA TYR A 20 -2.96 12.19 10.79
C TYR A 20 -2.53 13.03 11.97
N ARG A 21 -3.18 14.18 12.11
CA ARG A 21 -2.91 15.09 13.20
C ARG A 21 -3.12 14.43 14.53
N SER A 22 -2.08 14.43 15.34
CA SER A 22 -2.13 13.83 16.66
C SER A 22 -1.76 14.85 17.72
N GLY A 23 -2.77 15.44 18.32
CA GLY A 23 -2.55 16.46 19.28
C GLY A 23 -1.94 17.67 18.60
N SER A 24 -0.64 17.84 18.80
CA SER A 24 0.08 18.96 18.21
C SER A 24 1.17 18.50 17.23
N SER A 25 1.01 17.28 16.73
CA SER A 25 1.97 16.71 15.80
C SER A 25 1.32 15.73 14.86
N TRP A 26 2.05 15.37 13.81
CA TRP A 26 1.56 14.40 12.85
C TRP A 26 2.22 13.06 13.08
N ALA A 27 1.50 11.99 12.74
CA ALA A 27 2.03 10.65 12.91
C ALA A 27 1.70 9.75 11.74
N HIS A 28 2.70 9.04 11.25
CA HIS A 28 2.51 8.14 10.14
C HIS A 28 1.50 7.08 10.48
N THR A 29 0.56 6.82 9.55
CA THR A 29 -0.46 5.81 9.78
C THR A 29 -0.50 4.76 8.71
N CYS A 30 -0.41 5.18 7.47
CA CYS A 30 -0.49 4.28 6.36
C CYS A 30 0.40 4.70 5.24
N GLY A 31 0.56 3.79 4.32
CA GLY A 31 1.22 4.06 3.10
C GLY A 31 0.18 4.42 2.04
N GLY A 32 0.63 4.69 0.85
CA GLY A 32 -0.25 5.03 -0.26
C GLY A 32 0.55 5.21 -1.53
N THR A 33 -0.14 5.40 -2.64
CA THR A 33 0.51 5.58 -3.90
C THR A 33 0.00 6.77 -4.64
N LEU A 34 0.92 7.59 -5.13
CA LEU A 34 0.55 8.75 -5.90
C LEU A 34 0.19 8.30 -7.33
N ILE A 35 -1.09 8.37 -7.66
CA ILE A 35 -1.52 7.95 -8.97
C ILE A 35 -1.75 9.13 -9.88
N ARG A 36 -1.99 10.27 -9.24
CA ARG A 36 -2.23 11.52 -9.93
C ARG A 36 -1.51 12.62 -9.21
N GLN A 37 -1.30 13.75 -9.90
CA GLN A 37 -0.63 14.88 -9.26
C GLN A 37 -1.39 15.36 -8.04
N ASN A 38 -2.70 15.08 -8.02
CA ASN A 38 -3.57 15.48 -6.94
C ASN A 38 -4.37 14.32 -6.37
N TRP A 39 -4.04 13.10 -6.81
CA TRP A 39 -4.74 11.92 -6.34
C TRP A 39 -3.79 10.87 -5.79
N VAL A 40 -4.18 10.33 -4.64
CA VAL A 40 -3.44 9.26 -3.98
C VAL A 40 -4.35 8.06 -3.78
N MET A 41 -3.78 6.89 -3.91
CA MET A 41 -4.52 5.64 -3.71
C MET A 41 -4.00 4.93 -2.47
N THR A 42 -4.93 4.53 -1.60
CA THR A 42 -4.57 3.86 -0.35
C THR A 42 -5.62 2.83 0.05
N ALA A 43 -5.49 2.31 1.26
CA ALA A 43 -6.44 1.34 1.78
C ALA A 43 -7.60 2.03 2.46
N ALA A 44 -8.83 1.53 2.19
CA ALA A 44 -10.05 2.10 2.79
C ALA A 44 -9.98 2.15 4.28
N HIS A 45 -9.57 1.04 4.85
CA HIS A 45 -9.42 0.92 6.27
C HIS A 45 -8.49 1.95 6.89
N CYS A 46 -7.69 2.58 6.05
CA CYS A 46 -6.75 3.62 6.51
C CYS A 46 -7.47 4.88 6.94
N VAL A 47 -8.55 5.21 6.21
CA VAL A 47 -9.33 6.40 6.46
C VAL A 47 -10.73 6.11 7.04
N ASP A 48 -10.80 5.12 7.92
CA ASP A 48 -12.04 4.76 8.55
C ASP A 48 -12.36 5.72 9.68
N ARG A 49 -11.32 6.08 10.42
CA ARG A 49 -11.46 7.05 11.49
C ARG A 49 -11.61 8.44 10.94
N GLU A 50 -12.27 9.30 11.68
CA GLU A 50 -12.47 10.65 11.23
C GLU A 50 -11.43 11.58 11.79
N LEU A 51 -10.27 11.50 11.21
CA LEU A 51 -9.17 12.32 11.62
C LEU A 51 -8.74 13.20 10.49
N THR A 52 -7.81 14.11 10.80
CA THR A 52 -7.26 14.99 9.80
C THR A 52 -6.06 14.32 9.17
N PHE A 53 -6.09 14.21 7.84
CA PHE A 53 -5.03 13.55 7.10
C PHE A 53 -4.21 14.47 6.22
N ARG A 54 -2.96 14.10 6.05
CA ARG A 54 -2.03 14.81 5.20
C ARG A 54 -1.11 13.81 4.53
N VAL A 55 -0.73 14.14 3.32
CA VAL A 55 0.12 13.30 2.54
C VAL A 55 1.50 13.88 2.43
N VAL A 56 2.49 13.03 2.61
CA VAL A 56 3.88 13.44 2.49
C VAL A 56 4.57 12.75 1.33
N VAL A 57 4.91 13.53 0.31
CA VAL A 57 5.60 13.00 -0.83
C VAL A 57 7.07 13.34 -0.73
N GLY A 58 7.90 12.53 -1.42
CA GLY A 58 9.37 12.74 -1.41
C GLY A 58 9.94 12.47 -0.03
N GLU A 59 9.24 11.65 0.70
CA GLU A 59 9.66 11.31 2.03
C GLU A 59 10.55 10.08 2.02
N HIS A 60 11.62 10.13 2.83
CA HIS A 60 12.52 9.02 2.98
C HIS A 60 12.66 8.64 4.46
N ASN A 61 13.07 9.62 5.26
CA ASN A 61 13.19 9.44 6.69
C ASN A 61 12.08 10.18 7.40
N LEU A 62 11.24 9.41 8.13
CA LEU A 62 10.11 9.99 8.84
C LEU A 62 10.53 11.07 9.85
N ASN A 63 11.58 10.77 10.64
CA ASN A 63 12.02 11.69 11.71
C ASN A 63 13.10 12.66 11.31
N GLN A 64 13.35 12.79 10.03
CA GLN A 64 14.39 13.70 9.57
C GLN A 64 14.04 14.41 8.29
N ASN A 65 14.49 15.63 8.18
CA ASN A 65 14.28 16.41 7.00
C ASN A 65 15.22 15.91 5.91
N ASN A 66 14.62 15.48 4.81
CA ASN A 66 15.35 14.93 3.69
C ASN A 66 15.61 15.96 2.60
N GLY A 67 14.98 17.12 2.75
CA GLY A 67 15.11 18.21 1.80
C GLY A 67 14.42 17.88 0.49
N THR A 68 13.45 16.97 0.55
CA THR A 68 12.72 16.54 -0.64
C THR A 68 11.21 16.45 -0.40
N GLU A 69 10.83 16.53 0.89
CA GLU A 69 9.43 16.41 1.31
C GLU A 69 8.50 17.49 0.77
N GLN A 70 7.30 17.06 0.47
CA GLN A 70 6.22 17.93 0.04
C GLN A 70 5.00 17.57 0.84
N TYR A 71 4.51 18.52 1.64
CA TYR A 71 3.36 18.29 2.49
C TYR A 71 2.09 18.85 1.91
N VAL A 72 1.13 17.95 1.67
CA VAL A 72 -0.17 18.31 1.14
C VAL A 72 -1.30 17.76 1.99
N GLY A 73 -2.34 18.59 2.20
CA GLY A 73 -3.50 18.18 2.94
C GLY A 73 -4.52 17.43 2.05
N VAL A 74 -5.40 16.64 2.68
CA VAL A 74 -6.43 15.89 1.94
C VAL A 74 -7.71 16.70 1.81
N GLN A 75 -8.18 16.88 0.58
CA GLN A 75 -9.36 17.66 0.34
C GLN A 75 -10.65 16.82 0.29
N LYS A 76 -10.56 15.65 -0.32
CA LYS A 76 -11.71 14.80 -0.46
C LYS A 76 -11.35 13.31 -0.41
N ILE A 77 -12.12 12.56 0.38
CA ILE A 77 -11.90 11.12 0.54
C ILE A 77 -13.00 10.32 -0.12
N VAL A 78 -12.61 9.45 -1.05
CA VAL A 78 -13.57 8.62 -1.76
C VAL A 78 -13.31 7.12 -1.58
N VAL A 79 -13.96 6.54 -0.58
CA VAL A 79 -13.84 5.12 -0.31
C VAL A 79 -14.68 4.31 -1.28
N HIS A 80 -14.35 3.04 -1.40
CA HIS A 80 -15.13 2.17 -2.26
C HIS A 80 -16.53 1.94 -1.65
N PRO A 81 -17.55 2.12 -2.49
CA PRO A 81 -18.93 1.98 -2.05
C PRO A 81 -19.26 0.66 -1.33
N TYR A 82 -18.65 -0.44 -1.79
CA TYR A 82 -18.91 -1.76 -1.20
C TYR A 82 -18.09 -2.03 0.06
N TRP A 83 -17.21 -1.09 0.44
CA TRP A 83 -16.35 -1.26 1.62
C TRP A 83 -17.13 -1.29 2.93
N ASN A 84 -16.78 -2.23 3.78
CA ASN A 84 -17.40 -2.37 5.09
C ASN A 84 -16.37 -2.68 6.18
N THR A 85 -16.26 -1.73 7.13
CA THR A 85 -15.31 -1.79 8.25
C THR A 85 -15.15 -3.15 8.92
N ASP A 86 -16.29 -3.78 9.23
CA ASP A 86 -16.32 -5.06 9.92
C ASP A 86 -15.99 -6.27 9.05
N ASP A 87 -15.78 -6.05 7.77
CA ASP A 87 -15.49 -7.16 6.88
C ASP A 87 -14.31 -6.92 5.91
N VAL A 88 -13.09 -6.99 6.43
CA VAL A 88 -11.92 -6.79 5.59
C VAL A 88 -11.71 -7.96 4.63
N ALA A 89 -12.05 -9.16 5.08
CA ALA A 89 -11.92 -10.35 4.28
C ALA A 89 -12.91 -10.36 3.11
N ALA A 90 -13.77 -9.35 3.10
CA ALA A 90 -14.77 -9.19 2.06
C ALA A 90 -14.20 -8.50 0.84
N GLY A 91 -13.18 -7.67 1.06
CA GLY A 91 -12.54 -6.96 -0.02
C GLY A 91 -12.86 -5.48 -0.03
N TYR A 92 -12.73 -4.89 -1.22
CA TYR A 92 -13.01 -3.48 -1.42
C TYR A 92 -12.16 -2.57 -0.55
N ASP A 93 -11.02 -3.09 -0.09
CA ASP A 93 -10.11 -2.33 0.74
C ASP A 93 -9.29 -1.35 -0.08
N ILE A 94 -9.96 -0.30 -0.54
CA ILE A 94 -9.32 0.71 -1.36
C ILE A 94 -10.02 2.07 -1.25
N ALA A 95 -9.23 3.13 -1.24
CA ALA A 95 -9.75 4.49 -1.17
C ALA A 95 -8.92 5.45 -2.00
N LEU A 96 -9.59 6.45 -2.57
CA LEU A 96 -8.93 7.48 -3.37
C LEU A 96 -9.00 8.84 -2.68
N LEU A 97 -7.86 9.49 -2.55
CA LEU A 97 -7.82 10.78 -1.91
C LEU A 97 -7.47 11.89 -2.86
N ARG A 98 -8.29 12.94 -2.86
CA ARG A 98 -8.03 14.11 -3.65
C ARG A 98 -7.22 15.11 -2.82
N LEU A 99 -6.03 15.46 -3.30
CA LEU A 99 -5.16 16.39 -2.59
C LEU A 99 -5.54 17.85 -2.78
N ALA A 100 -5.25 18.66 -1.74
CA ALA A 100 -5.57 20.09 -1.77
C ALA A 100 -4.94 20.81 -2.94
N GLN A 101 -3.74 20.41 -3.27
CA GLN A 101 -3.02 21.01 -4.35
C GLN A 101 -2.21 19.96 -5.07
N SER A 102 -1.75 20.32 -6.25
CA SER A 102 -0.96 19.43 -7.06
C SER A 102 0.51 19.41 -6.64
N VAL A 103 1.06 18.22 -6.46
CA VAL A 103 2.44 18.10 -6.08
C VAL A 103 3.34 18.26 -7.26
N THR A 104 4.57 18.73 -7.00
CA THR A 104 5.57 18.91 -8.02
C THR A 104 6.32 17.62 -8.27
N LEU A 105 6.24 17.14 -9.52
CA LEU A 105 6.91 15.93 -9.90
C LEU A 105 8.40 16.16 -10.13
N ASN A 106 9.20 15.22 -9.61
CA ASN A 106 10.65 15.24 -9.73
C ASN A 106 11.25 13.83 -9.50
N SER A 107 12.55 13.79 -9.22
CA SER A 107 13.25 12.50 -9.00
C SER A 107 12.72 11.70 -7.82
N TYR A 108 12.15 12.40 -6.85
CA TYR A 108 11.62 11.75 -5.64
C TYR A 108 10.08 11.67 -5.63
N VAL A 109 9.47 12.31 -6.61
CA VAL A 109 8.04 12.36 -6.72
C VAL A 109 7.56 12.02 -8.12
N GLN A 110 7.01 10.84 -8.25
CA GLN A 110 6.53 10.36 -9.52
C GLN A 110 5.22 9.60 -9.40
N LEU A 111 4.52 9.49 -10.51
CA LEU A 111 3.28 8.80 -10.53
C LEU A 111 3.51 7.32 -10.64
N GLY A 112 2.73 6.58 -9.88
CA GLY A 112 2.77 5.16 -9.91
C GLY A 112 2.10 4.66 -11.17
N VAL A 113 2.69 3.61 -11.75
CA VAL A 113 2.15 2.99 -12.96
C VAL A 113 1.16 1.91 -12.62
N LEU A 114 -0.03 2.00 -13.18
CA LEU A 114 -1.06 1.03 -12.88
C LEU A 114 -1.12 -0.04 -13.94
N PRO A 115 -1.51 -1.23 -13.52
CA PRO A 115 -1.65 -2.34 -14.41
C PRO A 115 -2.89 -2.23 -15.22
N ARG A 116 -2.89 -2.91 -16.34
CA ARG A 116 -4.05 -2.97 -17.15
C ARG A 116 -5.17 -3.76 -16.42
N ALA A 117 -6.42 -3.42 -16.71
CA ALA A 117 -7.56 -4.08 -16.08
C ALA A 117 -7.62 -5.60 -16.32
N GLY A 118 -7.86 -6.35 -15.24
CA GLY A 118 -8.02 -7.80 -15.29
C GLY A 118 -6.72 -8.57 -15.24
N THR A 119 -5.61 -7.83 -15.08
CA THR A 119 -4.26 -8.42 -15.05
C THR A 119 -3.99 -9.29 -13.85
N ILE A 120 -3.64 -10.55 -14.13
CA ILE A 120 -3.30 -11.50 -13.11
C ILE A 120 -1.86 -11.92 -13.27
N LEU A 121 -1.10 -11.83 -12.19
CA LEU A 121 0.29 -12.23 -12.23
C LEU A 121 0.43 -13.71 -12.06
N ALA A 122 1.47 -14.28 -12.65
CA ALA A 122 1.70 -15.70 -12.52
C ALA A 122 2.28 -15.98 -11.17
N ASN A 123 2.21 -17.23 -10.75
CA ASN A 123 2.75 -17.60 -9.47
C ASN A 123 4.26 -17.28 -9.34
N ASN A 124 4.65 -16.88 -8.16
CA ASN A 124 6.04 -16.57 -7.87
C ASN A 124 6.58 -15.38 -8.67
N SER A 125 5.72 -14.42 -8.99
CA SER A 125 6.15 -13.23 -9.71
C SER A 125 7.03 -12.33 -8.81
N PRO A 126 7.99 -11.64 -9.43
CA PRO A 126 8.90 -10.76 -8.70
C PRO A 126 8.23 -9.44 -8.26
N CYS A 127 8.07 -9.29 -6.95
CA CYS A 127 7.45 -8.10 -6.36
C CYS A 127 8.21 -7.59 -5.15
N TYR A 128 7.99 -6.33 -4.86
CA TYR A 128 8.56 -5.68 -3.71
C TYR A 128 7.53 -4.89 -2.95
N ILE A 129 7.55 -5.03 -1.64
CA ILE A 129 6.69 -4.28 -0.76
C ILE A 129 7.49 -3.17 -0.12
N THR A 130 6.91 -1.97 -0.08
CA THR A 130 7.58 -0.83 0.53
C THR A 130 6.72 -0.21 1.63
N GLY A 131 7.38 0.39 2.62
CA GLY A 131 6.65 1.00 3.71
C GLY A 131 7.51 1.30 4.94
N TRP A 132 6.93 2.06 5.84
CA TRP A 132 7.56 2.43 7.06
C TRP A 132 6.93 1.72 8.25
N GLY A 133 6.14 0.67 7.95
CA GLY A 133 5.44 -0.07 8.99
C GLY A 133 6.37 -0.72 9.98
N LEU A 134 5.77 -1.47 10.92
CA LEU A 134 6.53 -2.19 11.93
C LEU A 134 7.58 -3.11 11.30
N THR A 135 8.81 -3.08 11.86
CA THR A 135 9.91 -3.93 11.39
C THR A 135 9.84 -5.31 12.02
N ARG A 136 9.08 -5.41 13.12
CA ARG A 136 8.88 -6.66 13.82
C ARG A 136 7.46 -6.75 14.33
N THR A 137 6.95 -7.98 14.54
CA THR A 137 5.61 -8.14 15.04
C THR A 137 5.52 -7.52 16.41
N ASN A 138 4.64 -6.55 16.55
CA ASN A 138 4.48 -5.88 17.83
C ASN A 138 5.70 -5.03 18.16
N GLY A 139 6.48 -4.70 17.13
CA GLY A 139 7.66 -3.90 17.30
C GLY A 139 7.37 -2.43 17.09
N GLN A 140 8.25 -1.74 16.39
CA GLN A 140 8.06 -0.31 16.13
C GLN A 140 8.20 0.05 14.65
N LEU A 141 7.70 1.22 14.31
CA LEU A 141 7.76 1.72 12.94
C LEU A 141 9.20 1.96 12.52
N ALA A 142 9.46 1.78 11.24
CA ALA A 142 10.77 2.03 10.68
C ALA A 142 10.95 3.53 10.45
N GLN A 143 12.18 4.01 10.66
CA GLN A 143 12.49 5.43 10.46
C GLN A 143 12.66 5.78 8.98
N THR A 144 13.28 4.85 8.26
CA THR A 144 13.53 4.99 6.85
C THR A 144 12.74 4.01 6.06
N LEU A 145 12.45 4.39 4.81
CA LEU A 145 11.69 3.52 3.92
C LEU A 145 12.35 2.14 3.76
N GLN A 146 11.59 1.10 4.05
CA GLN A 146 12.06 -0.26 3.94
C GLN A 146 11.47 -0.95 2.74
N GLN A 147 12.17 -1.97 2.27
CA GLN A 147 11.72 -2.76 1.15
C GLN A 147 11.98 -4.24 1.37
N ALA A 148 11.08 -5.08 0.82
CA ALA A 148 11.19 -6.51 0.93
C ALA A 148 10.73 -7.22 -0.32
N TYR A 149 11.50 -8.20 -0.72
CA TYR A 149 11.18 -9.01 -1.88
C TYR A 149 10.06 -9.95 -1.55
N LEU A 150 8.96 -9.79 -2.26
CA LEU A 150 7.79 -10.59 -1.98
C LEU A 150 7.19 -11.18 -3.25
N PRO A 151 7.57 -12.40 -3.55
CA PRO A 151 7.02 -13.07 -4.68
C PRO A 151 5.56 -13.37 -4.42
N THR A 152 4.77 -13.30 -5.47
CA THR A 152 3.36 -13.54 -5.34
C THR A 152 2.99 -15.00 -5.16
N VAL A 153 1.85 -15.20 -4.53
CA VAL A 153 1.24 -16.50 -4.34
C VAL A 153 -0.11 -16.51 -5.03
N ASP A 154 -0.22 -17.31 -6.09
CA ASP A 154 -1.44 -17.36 -6.88
C ASP A 154 -2.67 -17.69 -6.06
N TYR A 155 -3.83 -17.25 -6.56
CA TYR A 155 -5.12 -17.47 -5.93
C TYR A 155 -5.36 -18.92 -5.51
N ALA A 156 -5.11 -19.83 -6.43
CA ALA A 156 -5.26 -21.26 -6.20
C ALA A 156 -4.54 -21.75 -4.93
N ILE A 157 -3.30 -21.29 -4.76
CA ILE A 157 -2.49 -21.66 -3.60
C ILE A 157 -2.87 -20.86 -2.36
N CYS A 158 -2.98 -19.57 -2.52
CA CYS A 158 -3.31 -18.72 -1.42
C CYS A 158 -4.67 -19.07 -0.81
N SER A 159 -5.59 -19.53 -1.67
CA SER A 159 -6.95 -19.88 -1.23
C SER A 159 -7.05 -21.30 -0.68
N SER A 160 -5.93 -21.98 -0.61
CA SER A 160 -5.91 -23.30 -0.10
C SER A 160 -6.00 -23.27 1.40
N SER A 161 -6.52 -24.37 1.97
CA SER A 161 -6.71 -24.48 3.41
C SER A 161 -5.47 -24.23 4.24
N SER A 162 -4.33 -24.70 3.72
CA SER A 162 -3.07 -24.52 4.43
C SER A 162 -2.63 -23.06 4.48
N TYR A 163 -3.17 -22.27 3.56
CA TYR A 163 -2.85 -20.84 3.47
C TYR A 163 -3.92 -19.95 4.10
N TRP A 164 -4.54 -19.12 3.29
CA TRP A 164 -5.54 -18.19 3.76
C TRP A 164 -6.94 -18.73 3.68
N GLY A 165 -7.11 -19.82 2.95
CA GLY A 165 -8.40 -20.44 2.79
C GLY A 165 -9.39 -19.54 2.06
N SER A 166 -10.60 -19.43 2.65
CA SER A 166 -11.68 -18.66 2.09
C SER A 166 -11.61 -17.18 2.44
N THR A 167 -10.77 -16.86 3.41
CA THR A 167 -10.60 -15.48 3.84
C THR A 167 -10.19 -14.58 2.69
N VAL A 168 -9.45 -15.15 1.76
CA VAL A 168 -8.96 -14.45 0.59
C VAL A 168 -9.88 -14.66 -0.62
N LYS A 169 -9.96 -13.64 -1.47
CA LYS A 169 -10.79 -13.69 -2.66
C LYS A 169 -10.00 -13.45 -3.91
N ASN A 170 -10.67 -13.54 -5.04
CA ASN A 170 -10.02 -13.35 -6.32
C ASN A 170 -9.66 -11.90 -6.56
N SER A 171 -10.24 -11.01 -5.77
CA SER A 171 -9.98 -9.60 -5.92
C SER A 171 -8.85 -9.13 -5.02
N MET A 172 -8.06 -10.09 -4.56
CA MET A 172 -6.92 -9.80 -3.73
C MET A 172 -5.66 -10.44 -4.30
N VAL A 173 -4.51 -9.97 -3.81
CA VAL A 173 -3.22 -10.52 -4.22
C VAL A 173 -2.43 -10.97 -3.01
N CYS A 174 -1.85 -12.15 -3.09
CA CYS A 174 -1.03 -12.67 -2.01
C CYS A 174 0.44 -12.57 -2.38
N ALA A 175 1.27 -12.23 -1.40
CA ALA A 175 2.70 -12.13 -1.62
C ALA A 175 3.48 -12.38 -0.35
N GLY A 176 4.50 -13.26 -0.45
CA GLY A 176 5.34 -13.59 0.71
C GLY A 176 4.93 -14.92 1.33
N GLY A 177 4.93 -14.97 2.66
CA GLY A 177 4.55 -16.18 3.37
C GLY A 177 5.74 -17.08 3.70
N ASP A 178 6.94 -16.51 3.64
CA ASP A 178 8.14 -17.27 3.93
C ASP A 178 8.46 -17.32 5.41
N GLY A 179 7.64 -16.65 6.22
CA GLY A 179 7.84 -16.58 7.67
C GLY A 179 9.00 -15.63 8.05
N VAL A 180 9.59 -14.99 7.05
CA VAL A 180 10.71 -14.07 7.28
C VAL A 180 10.41 -12.62 6.82
N ARG A 181 9.75 -12.50 5.68
CA ARG A 181 9.45 -11.19 5.14
C ARG A 181 7.98 -10.97 4.98
N SER A 182 7.54 -9.75 5.25
CA SER A 182 6.13 -9.41 5.14
C SER A 182 5.85 -8.00 5.48
N GLY A 183 4.63 -7.61 5.19
CA GLY A 183 4.16 -6.35 5.60
C GLY A 183 3.79 -6.46 7.05
N CYS A 184 3.72 -5.34 7.70
CA CYS A 184 3.35 -5.26 9.08
C CYS A 184 2.54 -4.01 9.27
N GLN A 185 2.00 -3.80 10.49
CA GLN A 185 1.18 -2.62 10.80
C GLN A 185 1.88 -1.34 10.43
N GLY A 186 1.15 -0.48 9.68
CA GLY A 186 1.69 0.79 9.21
C GLY A 186 2.13 0.73 7.77
N ASP A 187 2.17 -0.47 7.20
CA ASP A 187 2.55 -0.66 5.83
C ASP A 187 1.36 -0.70 4.93
N SER A 188 0.22 -0.93 5.52
CA SER A 188 -0.96 -1.08 4.74
C SER A 188 -1.46 0.22 4.08
N GLY A 189 -2.01 0.04 2.90
CA GLY A 189 -2.44 1.14 2.08
C GLY A 189 -1.36 1.40 1.03
N GLY A 190 -0.15 0.90 1.33
CA GLY A 190 1.02 1.05 0.50
C GLY A 190 1.03 0.17 -0.72
N PRO A 191 2.01 0.38 -1.57
CA PRO A 191 2.12 -0.35 -2.82
C PRO A 191 2.89 -1.68 -2.77
N LEU A 192 2.57 -2.48 -3.74
CA LEU A 192 3.20 -3.72 -4.04
C LEU A 192 3.68 -3.62 -5.47
N HIS A 193 4.96 -3.27 -5.63
CA HIS A 193 5.57 -3.08 -6.96
C HIS A 193 5.98 -4.38 -7.62
N CYS A 194 5.38 -4.67 -8.78
CA CYS A 194 5.70 -5.88 -9.53
C CYS A 194 6.24 -5.57 -10.91
N LEU A 195 7.33 -6.27 -11.26
CA LEU A 195 8.02 -6.11 -12.54
C LEU A 195 7.31 -6.83 -13.70
N VAL A 196 6.73 -6.05 -14.58
CA VAL A 196 6.04 -6.60 -15.73
C VAL A 196 6.50 -5.96 -17.00
N ASN A 197 7.12 -6.76 -17.87
CA ASN A 197 7.61 -6.26 -19.12
C ASN A 197 8.63 -5.18 -18.93
N GLY A 198 9.57 -5.42 -17.99
CA GLY A 198 10.70 -4.51 -17.72
C GLY A 198 10.34 -3.28 -16.91
N GLN A 199 9.07 -3.12 -16.62
CA GLN A 199 8.61 -1.97 -15.86
C GLN A 199 7.86 -2.35 -14.58
N TYR A 200 8.13 -1.60 -13.51
CA TYR A 200 7.48 -1.81 -12.23
C TYR A 200 6.11 -1.15 -12.20
N ALA A 201 5.10 -1.92 -11.81
CA ALA A 201 3.75 -1.44 -11.69
C ALA A 201 3.13 -1.81 -10.33
N VAL A 202 2.24 -0.94 -9.86
CA VAL A 202 1.54 -1.13 -8.60
C VAL A 202 0.36 -2.11 -8.78
N HIS A 203 0.61 -3.40 -8.46
CA HIS A 203 -0.41 -4.43 -8.61
C HIS A 203 -1.29 -4.64 -7.38
N GLY A 204 -0.91 -4.03 -6.27
CA GLY A 204 -1.70 -4.22 -5.06
C GLY A 204 -1.57 -3.09 -4.06
N VAL A 205 -2.53 -3.08 -3.14
CA VAL A 205 -2.59 -2.17 -2.04
C VAL A 205 -2.61 -3.01 -0.77
N THR A 206 -1.61 -2.79 0.11
CA THR A 206 -1.47 -3.55 1.34
C THR A 206 -2.73 -3.52 2.16
N SER A 207 -3.31 -4.69 2.35
CA SER A 207 -4.55 -4.80 3.04
C SER A 207 -4.45 -5.42 4.43
N PHE A 208 -3.98 -6.68 4.53
CA PHE A 208 -3.92 -7.32 5.82
C PHE A 208 -2.97 -8.50 5.91
N VAL A 209 -2.67 -8.84 7.16
CA VAL A 209 -1.83 -9.97 7.54
C VAL A 209 -2.58 -10.79 8.57
N SER A 210 -1.97 -11.83 9.08
CA SER A 210 -2.65 -12.69 10.07
C SER A 210 -2.69 -12.08 11.44
N ARG A 211 -3.71 -12.47 12.21
CA ARG A 211 -3.87 -12.01 13.59
C ARG A 211 -2.81 -12.61 14.47
N LEU A 212 -2.23 -13.70 13.98
CA LEU A 212 -1.17 -14.40 14.67
C LEU A 212 0.09 -13.55 14.70
N GLY A 213 0.44 -12.99 13.53
CA GLY A 213 1.63 -12.16 13.38
C GLY A 213 1.78 -11.64 11.96
N CYS A 214 2.77 -10.75 11.76
CA CYS A 214 3.04 -10.18 10.44
C CYS A 214 3.71 -11.19 9.53
N ASN A 215 4.77 -11.82 10.05
CA ASN A 215 5.52 -12.83 9.31
C ASN A 215 5.23 -14.23 9.80
N VAL A 216 4.27 -14.88 9.14
CA VAL A 216 3.88 -16.22 9.48
C VAL A 216 3.96 -17.14 8.27
N THR A 217 4.59 -18.29 8.46
CA THR A 217 4.75 -19.27 7.40
C THR A 217 3.42 -19.68 6.82
N ARG A 218 3.29 -19.54 5.51
CA ARG A 218 2.06 -19.91 4.82
C ARG A 218 0.91 -18.90 5.02
N LYS A 219 1.29 -17.70 5.43
CA LYS A 219 0.34 -16.60 5.60
C LYS A 219 0.87 -15.33 4.92
N PRO A 220 0.80 -15.34 3.61
CA PRO A 220 1.27 -14.25 2.80
C PRO A 220 0.54 -12.99 3.09
N THR A 221 1.21 -11.88 2.81
CA THR A 221 0.61 -10.57 2.97
C THR A 221 -0.51 -10.43 1.94
N VAL A 222 -1.64 -9.89 2.38
CA VAL A 222 -2.79 -9.75 1.51
C VAL A 222 -2.95 -8.34 0.98
N PHE A 223 -3.11 -8.25 -0.33
CA PHE A 223 -3.28 -6.94 -0.98
C PHE A 223 -4.52 -6.87 -1.82
N THR A 224 -5.04 -5.67 -1.93
CA THR A 224 -6.15 -5.43 -2.79
C THR A 224 -5.63 -5.42 -4.19
N ARG A 225 -6.22 -6.24 -5.05
CA ARG A 225 -5.82 -6.34 -6.43
C ARG A 225 -6.26 -5.13 -7.22
N VAL A 226 -5.32 -4.21 -7.44
CA VAL A 226 -5.55 -2.98 -8.15
C VAL A 226 -6.21 -3.18 -9.52
N SER A 227 -5.73 -4.19 -10.27
CA SER A 227 -6.25 -4.49 -11.61
C SER A 227 -7.75 -4.82 -11.61
N ALA A 228 -8.30 -4.98 -10.42
CA ALA A 228 -9.72 -5.26 -10.27
C ALA A 228 -10.54 -3.99 -10.11
N TYR A 229 -9.85 -2.88 -9.86
CA TYR A 229 -10.51 -1.63 -9.65
C TYR A 229 -10.18 -0.55 -10.67
N ILE A 230 -9.63 -0.95 -11.83
CA ILE A 230 -9.24 0.03 -12.88
C ILE A 230 -10.40 0.93 -13.31
N SER A 231 -11.53 0.31 -13.67
CA SER A 231 -12.72 1.02 -14.10
C SER A 231 -13.17 2.00 -13.05
N TRP A 232 -13.25 1.50 -11.82
CA TRP A 232 -13.67 2.30 -10.69
C TRP A 232 -12.79 3.52 -10.50
N ILE A 233 -11.46 3.27 -10.43
CA ILE A 233 -10.45 4.31 -10.27
C ILE A 233 -10.62 5.44 -11.28
N ASN A 234 -10.68 5.07 -12.55
CA ASN A 234 -10.86 6.04 -13.61
C ASN A 234 -12.17 6.83 -13.47
N ASN A 235 -13.26 6.12 -13.11
CA ASN A 235 -14.57 6.74 -12.91
C ASN A 235 -14.56 7.79 -11.78
N VAL A 236 -13.82 7.49 -10.71
CA VAL A 236 -13.76 8.43 -9.60
C VAL A 236 -13.00 9.72 -9.97
N ILE A 237 -11.82 9.57 -10.55
CA ILE A 237 -11.01 10.72 -10.94
C ILE A 237 -11.70 11.61 -11.97
N ALA A 238 -12.34 10.97 -12.93
CA ALA A 238 -13.04 11.69 -13.98
C ALA A 238 -14.24 12.48 -13.47
N SER A 239 -14.83 12.01 -12.37
CA SER A 239 -16.02 12.65 -11.82
C SER A 239 -15.73 13.56 -10.63
N ASN A 240 -14.51 13.53 -10.14
CA ASN A 240 -14.17 14.37 -9.00
C ASN A 240 -12.94 15.19 -9.25
#